data_6M6V
#
_entry.id   6M6V
#
_cell.length_a   56.560
_cell.length_b   225.700
_cell.length_c   52.740
_cell.angle_alpha   90.000
_cell.angle_beta   90.000
_cell.angle_gamma   90.000
#
_symmetry.space_group_name_H-M   'P 21 21 2'
#
loop_
_entity.id
_entity.type
_entity.pdbx_description
1 polymer 'Toxin-antitoxin system antidote Mnt family'
2 polymer 'Toxin-antitoxin system toxin HepN family'
3 polymer "RNA (5'-R(P*AP*AP*A)-3')"
#
loop_
_entity_poly.entity_id
_entity_poly.type
_entity_poly.pdbx_seq_one_letter_code
_entity_poly.pdbx_strand_id
1 'polypeptide(L)'
;MQQLNENKIIKLLRDNIPKLQLIYLFGSYSQGTQHRNSDIDIAVLAADTLDNIARWELAQKLASALDSDVDLVDLRSAST
VLCQQVVTQGKQLWGTQQDDELFAVKTISMYQHLQAERQAIIDDVMANTAAKAHRGESL
;
A
2 'polypeptide(L)'
;MNDIIINKIATIKRCIKRIQQVYGDGSQFKQDFTLQDSVILNLQRCCEACIDIANHINRQQQLGIPQSSRDSFTLLAQNN
LITQPLSDNLKKMVGLRNIAVHDYQELNLDIVVHVVQHHLEDFEQFIDVIKAE
;
B,C,D
3 'polyribonucleotide' AAA E,F,G
#
# COMPACT_ATOMS: atom_id res chain seq x y z
N GLN A 2 28.30 -16.73 6.60
CA GLN A 2 27.18 -15.86 6.26
C GLN A 2 27.44 -15.12 4.95
N GLN A 3 28.61 -14.48 4.86
CA GLN A 3 28.99 -13.83 3.61
C GLN A 3 29.07 -14.83 2.46
N LEU A 4 29.48 -16.07 2.76
CA LEU A 4 29.50 -17.11 1.74
C LEU A 4 28.10 -17.46 1.29
N ASN A 5 27.13 -17.42 2.21
CA ASN A 5 25.74 -17.65 1.84
C ASN A 5 25.22 -16.54 0.92
N GLU A 6 25.62 -15.29 1.19
CA GLU A 6 25.16 -14.18 0.37
C GLU A 6 25.58 -14.34 -1.08
N ASN A 7 26.81 -14.77 -1.32
CA ASN A 7 27.30 -14.92 -2.68
C ASN A 7 26.50 -15.99 -3.44
N LYS A 8 26.17 -17.10 -2.77
CA LYS A 8 25.34 -18.11 -3.40
C LYS A 8 24.00 -17.52 -3.83
N ILE A 9 23.38 -16.74 -2.96
CA ILE A 9 22.09 -16.13 -3.29
C ILE A 9 22.23 -15.19 -4.48
N ILE A 10 23.25 -14.33 -4.45
CA ILE A 10 23.45 -13.35 -5.52
C ILE A 10 23.63 -14.06 -6.86
N LYS A 11 24.52 -15.07 -6.89
CA LYS A 11 24.81 -15.74 -8.15
C LYS A 11 23.63 -16.57 -8.63
N LEU A 12 22.92 -17.24 -7.70
CA LEU A 12 21.77 -18.04 -8.10
C LEU A 12 20.66 -17.17 -8.67
N LEU A 13 20.46 -15.98 -8.10
CA LEU A 13 19.43 -15.09 -8.63
C LEU A 13 19.87 -14.47 -9.95
N ARG A 14 21.14 -14.10 -10.07
CA ARG A 14 21.62 -13.51 -11.31
C ARG A 14 21.62 -14.51 -12.46
N ASP A 15 21.87 -15.79 -12.17
CA ASP A 15 21.92 -16.81 -13.22
C ASP A 15 20.54 -17.26 -13.68
N ASN A 16 19.47 -16.84 -13.01
CA ASN A 16 18.13 -17.25 -13.40
C ASN A 16 17.17 -16.10 -13.64
N ILE A 17 17.50 -14.88 -13.23
CA ILE A 17 16.61 -13.72 -13.42
C ILE A 17 17.21 -12.85 -14.53
N PRO A 18 16.60 -12.80 -15.71
CA PRO A 18 17.13 -11.93 -16.76
C PRO A 18 16.81 -10.47 -16.48
N LYS A 19 17.75 -9.60 -16.82
CA LYS A 19 17.62 -8.15 -16.60
C LYS A 19 17.33 -7.84 -15.14
N LEU A 20 18.11 -8.46 -14.25
CA LEU A 20 17.98 -8.24 -12.82
C LEU A 20 18.63 -6.93 -12.43
N GLN A 21 17.98 -6.20 -11.52
CA GLN A 21 18.44 -4.87 -11.11
C GLN A 21 18.82 -4.78 -9.65
N LEU A 22 18.06 -5.39 -8.75
CA LEU A 22 18.27 -5.23 -7.31
C LEU A 22 18.04 -6.54 -6.59
N ILE A 23 18.90 -6.83 -5.62
CA ILE A 23 18.80 -7.99 -4.73
C ILE A 23 18.94 -7.46 -3.32
N TYR A 24 17.87 -7.55 -2.53
CA TYR A 24 17.84 -7.19 -1.12
C TYR A 24 17.70 -8.44 -0.26
N LEU A 25 18.28 -8.38 0.93
CA LEU A 25 18.15 -9.44 1.93
C LEU A 25 17.59 -8.83 3.21
N PHE A 26 16.38 -9.25 3.59
CA PHE A 26 15.75 -8.71 4.79
C PHE A 26 15.32 -9.83 5.72
N GLY A 27 14.48 -9.51 6.70
CA GLY A 27 14.03 -10.50 7.67
C GLY A 27 14.75 -10.40 9.00
N ASN A 37 16.21 -19.20 12.38
CA ASN A 37 16.62 -20.39 11.65
C ASN A 37 15.62 -20.76 10.57
N SER A 38 14.49 -20.04 10.53
CA SER A 38 13.41 -20.35 9.59
C SER A 38 13.77 -19.95 8.17
N ASP A 39 12.88 -19.21 7.52
CA ASP A 39 13.07 -18.92 6.10
C ASP A 39 13.99 -17.72 5.90
N ILE A 40 14.76 -17.78 4.83
CA ILE A 40 15.61 -16.67 4.40
C ILE A 40 14.76 -15.74 3.54
N ASP A 41 14.83 -14.44 3.84
CA ASP A 41 13.95 -13.45 3.23
C ASP A 41 14.73 -12.67 2.20
N ILE A 42 14.42 -12.91 0.93
CA ILE A 42 15.10 -12.29 -0.21
C ILE A 42 14.07 -11.55 -1.04
N ALA A 43 14.46 -10.38 -1.57
CA ALA A 43 13.62 -9.61 -2.46
C ALA A 43 14.43 -9.24 -3.69
N VAL A 44 13.77 -9.20 -4.85
CA VAL A 44 14.44 -8.93 -6.11
C VAL A 44 13.60 -7.97 -6.93
N LEU A 45 14.29 -7.10 -7.68
CA LEU A 45 13.66 -6.21 -8.65
C LEU A 45 14.37 -6.36 -9.97
N ALA A 46 13.62 -6.62 -11.03
CA ALA A 46 14.15 -6.76 -12.38
C ALA A 46 13.37 -5.87 -13.33
N ALA A 47 13.75 -5.91 -14.61
CA ALA A 47 13.05 -5.12 -15.62
C ALA A 47 11.66 -5.65 -15.90
N ASP A 48 11.37 -6.88 -15.51
CA ASP A 48 10.06 -7.49 -15.71
C ASP A 48 9.54 -8.01 -14.38
N THR A 49 8.28 -8.42 -14.38
CA THR A 49 7.68 -9.06 -13.22
C THR A 49 7.81 -10.57 -13.37
N LEU A 50 8.38 -11.22 -12.36
CA LEU A 50 8.60 -12.65 -12.41
C LEU A 50 7.27 -13.40 -12.48
N ASP A 51 7.24 -14.46 -13.27
CA ASP A 51 6.09 -15.35 -13.28
C ASP A 51 5.92 -15.97 -11.91
N ASN A 52 4.66 -16.01 -11.44
CA ASN A 52 4.39 -16.46 -10.08
C ASN A 52 4.91 -17.88 -9.85
N ILE A 53 4.54 -18.82 -10.73
CA ILE A 53 4.99 -20.20 -10.59
C ILE A 53 6.50 -20.28 -10.72
N ALA A 54 7.06 -19.58 -11.71
CA ALA A 54 8.50 -19.58 -11.89
C ALA A 54 9.21 -18.93 -10.71
N ARG A 55 8.63 -17.86 -10.15
CA ARG A 55 9.21 -17.24 -8.97
C ARG A 55 9.27 -18.20 -7.80
N TRP A 56 8.17 -18.92 -7.56
CA TRP A 56 8.15 -19.89 -6.47
C TRP A 56 9.14 -21.03 -6.73
N GLU A 57 9.26 -21.46 -7.98
CA GLU A 57 10.23 -22.49 -8.32
C GLU A 57 11.65 -22.04 -8.04
N LEU A 58 11.99 -20.80 -8.41
CA LEU A 58 13.31 -20.26 -8.09
C LEU A 58 13.51 -20.14 -6.59
N ALA A 59 12.45 -19.78 -5.86
CA ALA A 59 12.55 -19.75 -4.40
C ALA A 59 12.87 -21.12 -3.83
N GLN A 60 12.24 -22.16 -4.36
CA GLN A 60 12.51 -23.52 -3.89
C GLN A 60 13.92 -23.97 -4.27
N LYS A 61 14.40 -23.54 -5.44
CA LYS A 61 15.77 -23.83 -5.83
C LYS A 61 16.76 -23.18 -4.87
N LEU A 62 16.53 -21.91 -4.52
CA LEU A 62 17.34 -21.24 -3.52
C LEU A 62 17.27 -21.95 -2.18
N ALA A 63 16.08 -22.38 -1.78
CA ALA A 63 15.92 -23.05 -0.49
C ALA A 63 16.68 -24.37 -0.45
N SER A 64 16.64 -25.14 -1.54
CA SER A 64 17.39 -26.39 -1.60
C SER A 64 18.89 -26.12 -1.60
N ALA A 65 19.33 -25.07 -2.29
CA ALA A 65 20.76 -24.78 -2.35
C ALA A 65 21.29 -24.28 -1.00
N LEU A 66 20.45 -23.57 -0.24
CA LEU A 66 20.87 -23.00 1.03
C LEU A 66 20.50 -23.85 2.24
N ASP A 67 19.74 -24.92 2.05
CA ASP A 67 19.31 -25.81 3.14
C ASP A 67 18.54 -25.03 4.21
N SER A 68 17.62 -24.19 3.75
CA SER A 68 16.75 -23.39 4.62
C SER A 68 15.64 -22.82 3.75
N ASP A 69 14.47 -22.62 4.36
CA ASP A 69 13.34 -22.09 3.62
C ASP A 69 13.67 -20.73 3.03
N VAL A 70 13.03 -20.39 1.91
CA VAL A 70 13.32 -19.16 1.19
C VAL A 70 12.02 -18.59 0.66
N ASP A 71 11.80 -17.30 0.92
CA ASP A 71 10.70 -16.54 0.33
C ASP A 71 11.30 -15.53 -0.65
N LEU A 72 10.92 -15.64 -1.91
CA LEU A 72 11.40 -14.74 -2.95
C LEU A 72 10.32 -13.69 -3.23
N VAL A 73 10.63 -12.43 -2.95
CA VAL A 73 9.67 -11.33 -3.08
C VAL A 73 9.96 -10.60 -4.38
N ASP A 74 8.98 -10.55 -5.27
CA ASP A 74 9.07 -9.78 -6.50
C ASP A 74 8.66 -8.35 -6.19
N LEU A 75 9.65 -7.44 -6.11
CA LEU A 75 9.38 -6.06 -5.76
C LEU A 75 8.55 -5.32 -6.80
N ARG A 76 8.26 -5.94 -7.94
CA ARG A 76 7.44 -5.31 -8.97
C ARG A 76 5.96 -5.62 -8.82
N SER A 77 5.62 -6.73 -8.19
CA SER A 77 4.22 -7.09 -7.96
C SER A 77 3.84 -7.16 -6.48
N ALA A 78 4.80 -7.08 -5.57
CA ALA A 78 4.49 -7.11 -4.15
C ALA A 78 3.72 -5.86 -3.73
N SER A 79 3.10 -5.93 -2.55
CA SER A 79 2.30 -4.82 -2.05
C SER A 79 3.20 -3.68 -1.60
N THR A 80 2.57 -2.55 -1.28
CA THR A 80 3.32 -1.37 -0.84
C THR A 80 3.88 -1.56 0.56
N VAL A 81 3.15 -2.28 1.43
CA VAL A 81 3.63 -2.51 2.80
C VAL A 81 4.88 -3.37 2.79
N LEU A 82 4.90 -4.41 1.95
CA LEU A 82 6.05 -5.31 1.90
C LEU A 82 7.27 -4.59 1.31
N CYS A 83 7.07 -3.81 0.25
CA CYS A 83 8.15 -3.00 -0.29
C CYS A 83 8.66 -2.01 0.75
N GLN A 84 7.76 -1.44 1.55
CA GLN A 84 8.17 -0.51 2.60
C GLN A 84 9.02 -1.21 3.65
N GLN A 85 8.62 -2.43 4.04
CA GLN A 85 9.41 -3.20 4.99
C GLN A 85 10.80 -3.51 4.43
N VAL A 86 10.87 -3.89 3.16
CA VAL A 86 12.16 -4.19 2.53
C VAL A 86 13.03 -2.94 2.47
N VAL A 87 12.42 -1.78 2.17
CA VAL A 87 13.17 -0.53 2.14
C VAL A 87 13.67 -0.18 3.53
N THR A 88 12.85 -0.39 4.55
CA THR A 88 13.19 0.04 5.89
C THR A 88 14.24 -0.84 6.56
N GLN A 89 14.25 -2.14 6.27
CA GLN A 89 15.18 -3.03 6.95
C GLN A 89 16.05 -3.87 6.03
N GLY A 90 15.76 -3.94 4.73
CA GLY A 90 16.46 -4.88 3.87
C GLY A 90 17.87 -4.41 3.54
N LYS A 91 18.83 -5.31 3.69
CA LYS A 91 20.20 -5.05 3.23
C LYS A 91 20.29 -5.32 1.74
N GLN A 92 20.83 -4.36 0.99
CA GLN A 92 20.99 -4.52 -0.45
C GLN A 92 22.18 -5.42 -0.72
N LEU A 93 21.91 -6.59 -1.31
CA LEU A 93 23.00 -7.49 -1.66
C LEU A 93 23.63 -7.11 -3.00
N TRP A 94 22.79 -6.85 -4.00
CA TRP A 94 23.29 -6.59 -5.34
C TRP A 94 22.51 -5.48 -6.00
N GLY A 95 23.17 -4.74 -6.89
CA GLY A 95 22.52 -3.67 -7.63
C GLY A 95 23.20 -2.34 -7.44
N THR A 96 22.94 -1.39 -8.33
CA THR A 96 23.52 -0.07 -8.21
C THR A 96 22.79 0.73 -7.14
N GLN A 97 23.49 1.73 -6.59
CA GLN A 97 22.88 2.59 -5.59
C GLN A 97 21.82 3.50 -6.20
N GLN A 98 21.94 3.82 -7.48
CA GLN A 98 20.93 4.65 -8.14
C GLN A 98 19.58 3.95 -8.16
N ASP A 99 19.56 2.68 -8.58
CA ASP A 99 18.31 1.92 -8.57
C ASP A 99 17.77 1.76 -7.16
N ASP A 100 18.66 1.53 -6.19
CA ASP A 100 18.22 1.41 -4.80
C ASP A 100 17.53 2.67 -4.33
N GLU A 101 18.13 3.84 -4.60
CA GLU A 101 17.53 5.10 -4.17
C GLU A 101 16.21 5.35 -4.89
N LEU A 102 16.15 5.05 -6.20
CA LEU A 102 14.90 5.22 -6.94
C LEU A 102 13.79 4.37 -6.35
N PHE A 103 14.07 3.08 -6.13
CA PHE A 103 13.07 2.20 -5.56
C PHE A 103 12.67 2.65 -4.16
N ALA A 104 13.63 3.11 -3.36
CA ALA A 104 13.34 3.55 -2.01
C ALA A 104 12.41 4.75 -2.00
N VAL A 105 12.70 5.75 -2.84
CA VAL A 105 11.86 6.95 -2.84
C VAL A 105 10.48 6.64 -3.42
N LYS A 106 10.42 5.81 -4.46
CA LYS A 106 9.13 5.37 -4.98
C LYS A 106 8.29 4.71 -3.89
N THR A 107 8.90 3.76 -3.17
CA THR A 107 8.17 3.02 -2.15
C THR A 107 7.75 3.92 -1.00
N ILE A 108 8.62 4.84 -0.59
CA ILE A 108 8.28 5.73 0.53
C ILE A 108 7.12 6.65 0.16
N SER A 109 7.17 7.24 -1.04
CA SER A 109 6.09 8.12 -1.47
C SER A 109 4.77 7.37 -1.60
N MET A 110 4.82 6.19 -2.24
CA MET A 110 3.59 5.40 -2.39
C MET A 110 3.07 4.93 -1.04
N TYR A 111 3.95 4.64 -0.09
CA TYR A 111 3.50 4.20 1.23
C TYR A 111 2.88 5.35 2.01
N GLN A 112 3.43 6.55 1.86
CA GLN A 112 2.80 7.72 2.49
C GLN A 112 1.41 7.96 1.93
N HIS A 113 1.28 7.91 0.60
CA HIS A 113 -0.03 8.09 -0.01
C HIS A 113 -0.99 6.98 0.42
N LEU A 114 -0.50 5.75 0.55
CA LEU A 114 -1.35 4.65 0.98
C LEU A 114 -1.79 4.81 2.42
N GLN A 115 -0.86 5.18 3.31
CA GLN A 115 -1.22 5.46 4.70
C GLN A 115 -2.28 6.55 4.78
N ALA A 116 -2.21 7.54 3.89
CA ALA A 116 -3.29 8.51 3.79
C ALA A 116 -4.59 7.84 3.33
N GLU A 117 -4.48 6.86 2.42
CA GLU A 117 -5.67 6.23 1.86
C GLU A 117 -6.39 5.37 2.88
N ARG A 118 -5.66 4.50 3.58
CA ARG A 118 -6.24 3.46 4.42
C ARG A 118 -6.28 3.84 5.90
N GLN A 119 -6.30 5.13 6.22
CA GLN A 119 -6.24 5.53 7.63
C GLN A 119 -7.54 5.20 8.35
N ALA A 120 -8.68 5.40 7.70
CA ALA A 120 -9.96 5.15 8.36
C ALA A 120 -10.15 3.67 8.67
N ILE A 121 -9.73 2.79 7.76
CA ILE A 121 -9.86 1.36 7.99
C ILE A 121 -9.02 0.94 9.19
N ILE A 122 -7.78 1.41 9.24
CA ILE A 122 -6.90 1.06 10.34
C ILE A 122 -7.44 1.61 11.66
N ASP A 123 -7.97 2.83 11.63
CA ASP A 123 -8.58 3.40 12.84
C ASP A 123 -9.77 2.57 13.30
N ASP A 124 -10.58 2.09 12.36
CA ASP A 124 -11.77 1.32 12.73
C ASP A 124 -11.42 -0.06 13.28
N VAL A 125 -10.48 -0.76 12.62
CA VAL A 125 -10.18 -2.12 13.06
C VAL A 125 -9.38 -2.15 14.35
N MET A 126 -8.74 -1.04 14.72
CA MET A 126 -7.92 -0.97 15.93
C MET A 126 -8.61 -0.20 17.05
N ALA A 127 -9.94 -0.20 17.06
CA ALA A 127 -10.74 0.48 18.08
C ALA A 127 -10.36 1.95 18.24
N ASN B 2 23.59 15.08 -7.66
CA ASN B 2 22.85 13.83 -7.58
C ASN B 2 21.90 13.69 -8.77
N ASP B 3 21.99 12.56 -9.47
CA ASP B 3 21.21 12.39 -10.70
C ASP B 3 19.71 12.37 -10.42
N ILE B 4 19.30 11.76 -9.31
CA ILE B 4 17.89 11.74 -8.94
C ILE B 4 17.40 13.14 -8.61
N ILE B 5 18.19 13.88 -7.81
CA ILE B 5 17.83 15.26 -7.50
C ILE B 5 17.83 16.10 -8.78
N ILE B 6 18.78 15.85 -9.68
CA ILE B 6 18.83 16.58 -10.94
C ILE B 6 17.55 16.37 -11.74
N ASN B 7 17.12 15.10 -11.87
CA ASN B 7 15.93 14.81 -12.66
C ASN B 7 14.67 15.37 -12.00
N LYS B 8 14.58 15.29 -10.68
CA LYS B 8 13.42 15.84 -9.99
C LYS B 8 13.37 17.35 -10.10
N ILE B 9 14.52 18.02 -9.98
CA ILE B 9 14.57 19.47 -10.15
C ILE B 9 14.18 19.85 -11.57
N ALA B 10 14.65 19.08 -12.56
CA ALA B 10 14.26 19.34 -13.95
C ALA B 10 12.76 19.20 -14.13
N THR B 11 12.16 18.18 -13.50
CA THR B 11 10.71 18.03 -13.56
C THR B 11 10.02 19.25 -12.95
N ILE B 12 10.50 19.72 -11.79
CA ILE B 12 9.88 20.87 -11.14
C ILE B 12 9.99 22.11 -12.02
N LYS B 13 11.13 22.29 -12.69
CA LYS B 13 11.32 23.45 -13.54
C LYS B 13 10.38 23.40 -14.75
N ARG B 14 10.30 22.23 -15.40
CA ARG B 14 9.39 22.09 -16.53
C ARG B 14 7.95 22.33 -16.10
N CYS B 15 7.56 21.84 -14.92
CA CYS B 15 6.18 22.01 -14.48
C CYS B 15 5.90 23.45 -14.07
N ILE B 16 6.88 24.15 -13.50
CA ILE B 16 6.71 25.57 -13.21
C ILE B 16 6.50 26.35 -14.51
N LYS B 17 7.33 26.07 -15.51
CA LYS B 17 7.16 26.74 -16.81
C LYS B 17 5.80 26.42 -17.41
N ARG B 18 5.34 25.18 -17.26
CA ARG B 18 4.02 24.81 -17.78
C ARG B 18 2.90 25.57 -17.07
N ILE B 19 2.99 25.68 -15.73
CA ILE B 19 1.99 26.44 -14.99
C ILE B 19 1.97 27.88 -15.47
N GLN B 20 3.16 28.50 -15.57
CA GLN B 20 3.24 29.90 -15.96
C GLN B 20 2.72 30.11 -17.37
N GLN B 21 2.97 29.17 -18.28
CA GLN B 21 2.54 29.33 -19.67
C GLN B 21 1.04 29.11 -19.81
N VAL B 22 0.50 28.07 -19.18
CA VAL B 22 -0.93 27.78 -19.30
C VAL B 22 -1.76 28.86 -18.60
N TYR B 23 -1.31 29.31 -17.43
CA TYR B 23 -2.04 30.37 -16.74
C TYR B 23 -2.02 31.66 -17.54
N GLY B 24 -0.89 32.00 -18.14
CA GLY B 24 -0.81 33.22 -18.94
C GLY B 24 -1.06 34.45 -18.09
N ASP B 25 -1.93 35.33 -18.59
CA ASP B 25 -2.34 36.49 -17.82
C ASP B 25 -3.49 36.18 -16.87
N GLY B 26 -4.05 34.98 -16.93
CA GLY B 26 -5.10 34.59 -16.01
C GLY B 26 -6.46 35.15 -16.31
N SER B 27 -6.70 35.63 -17.54
CA SER B 27 -8.00 36.22 -17.86
C SER B 27 -9.06 35.16 -18.14
N GLN B 28 -8.66 33.99 -18.63
CA GLN B 28 -9.59 32.91 -18.95
C GLN B 28 -9.52 31.77 -17.93
N PHE B 29 -8.86 31.98 -16.79
CA PHE B 29 -8.63 30.89 -15.85
C PHE B 29 -9.92 30.47 -15.16
N LYS B 30 -10.60 31.42 -14.53
CA LYS B 30 -11.83 31.10 -13.80
C LYS B 30 -12.99 30.75 -14.72
N GLN B 31 -12.80 30.77 -16.03
CA GLN B 31 -13.85 30.46 -16.98
C GLN B 31 -13.63 29.17 -17.75
N ASP B 32 -12.37 28.75 -17.90
CA ASP B 32 -12.02 27.54 -18.64
C ASP B 32 -11.57 26.47 -17.66
N PHE B 33 -12.33 25.37 -17.59
CA PHE B 33 -11.99 24.29 -16.68
C PHE B 33 -10.74 23.53 -17.12
N THR B 34 -10.42 23.55 -18.41
CA THR B 34 -9.26 22.81 -18.90
C THR B 34 -7.96 23.43 -18.39
N LEU B 35 -7.86 24.76 -18.40
CA LEU B 35 -6.69 25.43 -17.85
C LEU B 35 -6.57 25.15 -16.36
N GLN B 36 -7.70 25.15 -15.65
CA GLN B 36 -7.69 24.82 -14.23
C GLN B 36 -7.14 23.41 -14.01
N ASP B 37 -7.61 22.44 -14.80
CA ASP B 37 -7.13 21.07 -14.65
C ASP B 37 -5.64 20.96 -14.94
N SER B 38 -5.17 21.65 -15.98
CA SER B 38 -3.75 21.62 -16.31
C SER B 38 -2.90 22.20 -15.18
N VAL B 39 -3.30 23.36 -14.66
CA VAL B 39 -2.54 23.99 -13.58
C VAL B 39 -2.55 23.13 -12.33
N ILE B 40 -3.71 22.51 -12.03
CA ILE B 40 -3.80 21.63 -10.86
C ILE B 40 -2.86 20.45 -11.02
N LEU B 41 -2.85 19.83 -12.20
CA LEU B 41 -2.01 18.66 -12.40
C LEU B 41 -0.53 19.01 -12.30
N ASN B 42 -0.14 20.16 -12.86
CA ASN B 42 1.27 20.54 -12.77
C ASN B 42 1.67 20.94 -11.36
N LEU B 43 0.77 21.57 -10.61
CA LEU B 43 1.05 21.83 -9.20
C LEU B 43 1.20 20.52 -8.42
N GLN B 44 0.36 19.53 -8.74
CA GLN B 44 0.52 18.22 -8.11
C GLN B 44 1.86 17.60 -8.45
N ARG B 45 2.30 17.74 -9.70
CA ARG B 45 3.60 17.22 -10.09
C ARG B 45 4.73 17.90 -9.31
N CYS B 46 4.66 19.23 -9.19
CA CYS B 46 5.65 19.95 -8.38
C CYS B 46 5.66 19.46 -6.94
N CYS B 47 4.48 19.33 -6.34
CA CYS B 47 4.40 18.88 -4.95
C CYS B 47 4.97 17.48 -4.79
N GLU B 48 4.63 16.58 -5.71
CA GLU B 48 5.11 15.20 -5.61
C GLU B 48 6.62 15.12 -5.79
N ALA B 49 7.18 15.94 -6.70
CA ALA B 49 8.62 15.93 -6.88
C ALA B 49 9.33 16.47 -5.63
N CYS B 50 8.78 17.52 -5.03
CA CYS B 50 9.36 18.02 -3.78
C CYS B 50 9.27 16.98 -2.67
N ILE B 51 8.15 16.25 -2.61
CA ILE B 51 7.99 15.19 -1.61
C ILE B 51 9.02 14.09 -1.82
N ASP B 52 9.23 13.69 -3.08
CA ASP B 52 10.22 12.67 -3.39
C ASP B 52 11.63 13.11 -3.00
N ILE B 53 11.96 14.37 -3.30
CA ILE B 53 13.28 14.90 -2.92
C ILE B 53 13.43 14.88 -1.40
N ALA B 54 12.39 15.29 -0.67
CA ALA B 54 12.45 15.31 0.79
C ALA B 54 12.65 13.90 1.34
N ASN B 55 11.92 12.92 0.79
CA ASN B 55 12.07 11.55 1.25
C ASN B 55 13.46 11.00 0.97
N HIS B 56 14.00 11.31 -0.22
CA HIS B 56 15.35 10.88 -0.55
C HIS B 56 16.37 11.46 0.42
N ILE B 57 16.26 12.76 0.70
CA ILE B 57 17.23 13.40 1.59
C ILE B 57 17.09 12.87 3.02
N ASN B 58 15.86 12.58 3.43
CA ASN B 58 15.66 12.03 4.78
C ASN B 58 16.27 10.64 4.90
N ARG B 59 16.08 9.78 3.90
CA ARG B 59 16.69 8.45 3.98
C ARG B 59 18.21 8.52 3.84
N GLN B 60 18.71 9.45 3.02
CA GLN B 60 20.14 9.54 2.76
C GLN B 60 20.90 9.96 4.02
N GLN B 61 20.45 11.02 4.68
CA GLN B 61 21.10 11.51 5.89
C GLN B 61 20.70 10.75 7.14
N GLN B 62 19.91 9.68 7.00
CA GLN B 62 19.51 8.82 8.12
C GLN B 62 18.78 9.63 9.19
N LEU B 63 17.95 10.58 8.75
CA LEU B 63 17.15 11.39 9.66
C LEU B 63 15.84 10.71 10.05
N GLY B 64 15.43 9.68 9.32
CA GLY B 64 14.20 8.97 9.62
C GLY B 64 13.33 8.89 8.39
N ILE B 65 12.47 7.88 8.34
CA ILE B 65 11.55 7.67 7.23
C ILE B 65 10.19 8.23 7.65
N PRO B 66 9.73 9.32 7.06
CA PRO B 66 8.49 9.94 7.52
C PRO B 66 7.26 9.13 7.15
N GLN B 67 6.26 9.18 8.04
CA GLN B 67 5.01 8.46 7.80
C GLN B 67 4.10 9.22 6.83
N SER B 68 4.09 10.54 6.91
CA SER B 68 3.34 11.37 5.98
C SER B 68 4.28 12.18 5.12
N SER B 69 3.74 12.71 4.02
CA SER B 69 4.55 13.55 3.14
C SER B 69 4.90 14.87 3.80
N ARG B 70 4.01 15.43 4.61
CA ARG B 70 4.34 16.64 5.36
C ARG B 70 5.43 16.38 6.39
N ASP B 71 5.46 15.18 6.96
CA ASP B 71 6.49 14.85 7.94
C ASP B 71 7.89 14.88 7.34
N SER B 72 8.03 14.71 6.02
CA SER B 72 9.34 14.82 5.40
C SER B 72 9.86 16.25 5.45
N PHE B 73 9.00 17.22 5.10
CA PHE B 73 9.38 18.62 5.25
C PHE B 73 9.59 18.98 6.71
N THR B 74 8.79 18.39 7.60
CA THR B 74 8.99 18.61 9.03
C THR B 74 10.37 18.13 9.47
N LEU B 75 10.80 16.97 8.98
CA LEU B 75 12.13 16.46 9.31
C LEU B 75 13.22 17.34 8.73
N LEU B 76 13.06 17.79 7.47
CA LEU B 76 14.03 18.69 6.88
C LEU B 76 14.14 19.98 7.69
N ALA B 77 13.04 20.46 8.24
CA ALA B 77 13.08 21.68 9.06
C ALA B 77 13.73 21.40 10.41
N GLN B 78 13.37 20.28 11.05
CA GLN B 78 13.93 19.96 12.35
C GLN B 78 15.43 19.71 12.26
N ASN B 79 15.92 19.29 11.09
CA ASN B 79 17.35 19.10 10.87
C ASN B 79 18.01 20.33 10.26
N ASN B 80 17.32 21.47 10.27
CA ASN B 80 17.87 22.75 9.80
C ASN B 80 18.34 22.68 8.35
N LEU B 81 17.65 21.89 7.53
CA LEU B 81 17.96 21.84 6.11
C LEU B 81 17.12 22.82 5.30
N ILE B 82 15.86 23.01 5.70
CA ILE B 82 15.01 24.05 5.14
C ILE B 82 14.35 24.79 6.30
N THR B 83 13.94 26.02 6.02
CA THR B 83 13.39 26.89 7.06
C THR B 83 11.95 26.50 7.37
N GLN B 84 11.51 26.82 8.58
CA GLN B 84 10.13 26.55 8.98
C GLN B 84 9.10 27.25 8.10
N PRO B 85 9.25 28.52 7.71
CA PRO B 85 8.26 29.10 6.78
C PRO B 85 8.18 28.38 5.45
N LEU B 86 9.32 28.01 4.87
CA LEU B 86 9.31 27.25 3.63
C LEU B 86 8.66 25.88 3.84
N SER B 87 8.93 25.24 4.98
CA SER B 87 8.32 23.96 5.26
C SER B 87 6.80 24.07 5.35
N ASP B 88 6.31 25.09 6.07
CA ASP B 88 4.87 25.29 6.18
C ASP B 88 4.25 25.62 4.83
N ASN B 89 4.95 26.42 4.02
CA ASN B 89 4.44 26.74 2.68
C ASN B 89 4.30 25.47 1.84
N LEU B 90 5.33 24.62 1.86
CA LEU B 90 5.27 23.39 1.08
C LEU B 90 4.18 22.46 1.58
N LYS B 91 4.02 22.37 2.91
CA LYS B 91 2.98 21.50 3.45
C LYS B 91 1.59 22.01 3.11
N LYS B 92 1.40 23.33 3.07
CA LYS B 92 0.12 23.89 2.67
C LYS B 92 -0.11 23.73 1.16
N MET B 93 0.98 23.70 0.38
CA MET B 93 0.84 23.33 -1.03
C MET B 93 0.36 21.88 -1.16
N VAL B 94 0.91 20.99 -0.33
CA VAL B 94 0.44 19.61 -0.30
C VAL B 94 -1.03 19.54 0.06
N GLY B 95 -1.45 20.35 1.03
CA GLY B 95 -2.85 20.42 1.38
C GLY B 95 -3.72 20.90 0.23
N LEU B 96 -3.26 21.91 -0.49
CA LEU B 96 -3.98 22.38 -1.67
C LEU B 96 -4.10 21.27 -2.72
N ARG B 97 -3.01 20.54 -2.96
CA ARG B 97 -3.05 19.45 -3.92
C ARG B 97 -4.07 18.38 -3.51
N ASN B 98 -4.06 18.01 -2.23
CA ASN B 98 -5.02 17.02 -1.75
C ASN B 98 -6.46 17.51 -1.90
N ILE B 99 -6.69 18.79 -1.57
CA ILE B 99 -8.02 19.38 -1.76
C ILE B 99 -8.44 19.26 -3.22
N ALA B 100 -7.54 19.64 -4.13
CA ALA B 100 -7.90 19.70 -5.55
C ALA B 100 -8.08 18.31 -6.16
N VAL B 101 -7.38 17.30 -5.65
CA VAL B 101 -7.42 15.98 -6.26
C VAL B 101 -8.52 15.13 -5.63
N HIS B 102 -8.48 14.97 -4.31
CA HIS B 102 -9.40 14.07 -3.64
C HIS B 102 -10.76 14.70 -3.34
N ASP B 103 -10.85 16.03 -3.38
CA ASP B 103 -12.12 16.74 -3.25
C ASP B 103 -12.81 16.42 -1.92
N TYR B 104 -12.08 16.61 -0.83
CA TYR B 104 -12.66 16.52 0.51
C TYR B 104 -13.04 17.90 1.06
N GLN B 105 -13.14 18.89 0.18
CA GLN B 105 -13.63 20.24 0.50
C GLN B 105 -13.79 21.00 -0.80
N GLU B 106 -14.72 21.95 -0.81
CA GLU B 106 -15.01 22.73 -2.01
C GLU B 106 -13.76 23.46 -2.48
N LEU B 107 -13.35 23.17 -3.72
CA LEU B 107 -12.14 23.78 -4.26
C LEU B 107 -12.35 25.28 -4.51
N ASN B 108 -11.45 26.09 -3.96
CA ASN B 108 -11.50 27.54 -4.12
C ASN B 108 -10.48 27.93 -5.18
N LEU B 109 -10.98 28.32 -6.37
CA LEU B 109 -10.08 28.69 -7.46
C LEU B 109 -9.25 29.91 -7.12
N ASP B 110 -9.75 30.78 -6.24
CA ASP B 110 -8.97 31.94 -5.82
C ASP B 110 -7.68 31.53 -5.16
N ILE B 111 -7.68 30.41 -4.42
CA ILE B 111 -6.47 29.93 -3.79
C ILE B 111 -5.48 29.43 -4.84
N VAL B 112 -5.98 28.76 -5.88
CA VAL B 112 -5.12 28.31 -6.96
C VAL B 112 -4.48 29.50 -7.67
N VAL B 113 -5.28 30.54 -7.92
CA VAL B 113 -4.76 31.75 -8.55
C VAL B 113 -3.69 32.39 -7.67
N HIS B 114 -3.97 32.50 -6.37
CA HIS B 114 -3.03 33.11 -5.45
C HIS B 114 -1.73 32.31 -5.36
N VAL B 115 -1.84 30.98 -5.44
CA VAL B 115 -0.65 30.13 -5.40
C VAL B 115 0.17 30.30 -6.68
N VAL B 116 -0.50 30.40 -7.83
CA VAL B 116 0.21 30.65 -9.08
C VAL B 116 0.91 32.00 -9.03
N GLN B 117 0.27 32.99 -8.39
CA GLN B 117 0.81 34.35 -8.38
C GLN B 117 1.96 34.50 -7.39
N HIS B 118 1.89 33.82 -6.24
CA HIS B 118 2.81 34.12 -5.14
C HIS B 118 3.57 32.93 -4.58
N HIS B 119 3.24 31.70 -4.94
CA HIS B 119 3.76 30.54 -4.23
C HIS B 119 4.65 29.60 -5.04
N LEU B 120 4.78 29.81 -6.36
CA LEU B 120 5.78 29.05 -7.11
C LEU B 120 7.19 29.39 -6.64
N GLU B 121 7.38 30.61 -6.12
CA GLU B 121 8.66 30.99 -5.55
C GLU B 121 9.08 30.05 -4.43
N ASP B 122 8.11 29.39 -3.78
CA ASP B 122 8.46 28.40 -2.76
C ASP B 122 9.13 27.19 -3.39
N PHE B 123 8.60 26.70 -4.52
CA PHE B 123 9.26 25.62 -5.25
C PHE B 123 10.65 26.06 -5.71
N GLU B 124 10.77 27.28 -6.24
CA GLU B 124 12.07 27.77 -6.69
C GLU B 124 13.06 27.83 -5.53
N GLN B 125 12.61 28.31 -4.37
CA GLN B 125 13.48 28.41 -3.20
C GLN B 125 13.89 27.03 -2.69
N PHE B 126 12.96 26.07 -2.71
CA PHE B 126 13.31 24.71 -2.31
C PHE B 126 14.36 24.12 -3.25
N ILE B 127 14.20 24.35 -4.56
CA ILE B 127 15.19 23.89 -5.53
C ILE B 127 16.55 24.52 -5.23
N ASP B 128 16.58 25.83 -5.00
CA ASP B 128 17.85 26.51 -4.77
C ASP B 128 18.49 26.09 -3.45
N VAL B 129 17.69 25.73 -2.45
CA VAL B 129 18.25 25.30 -1.18
C VAL B 129 18.81 23.89 -1.29
N ILE B 130 18.07 22.98 -1.93
CA ILE B 130 18.55 21.61 -2.07
C ILE B 130 19.75 21.55 -3.01
N LYS B 131 19.79 22.43 -4.02
CA LYS B 131 20.89 22.44 -4.97
C LYS B 131 22.22 22.71 -4.27
N ALA B 132 22.25 23.73 -3.42
CA ALA B 132 23.44 24.03 -2.62
C ALA B 132 23.45 23.19 -1.34
N GLU B 133 23.51 21.88 -1.54
CA GLU B 133 23.48 20.92 -0.45
C GLU B 133 24.68 21.06 0.47
N ASN C 2 -25.52 5.01 1.36
CA ASN C 2 -24.72 5.98 2.11
C ASN C 2 -24.51 7.24 1.29
N ASP C 3 -24.11 8.32 1.97
CA ASP C 3 -23.96 9.62 1.31
C ASP C 3 -22.60 9.80 0.64
N ILE C 4 -21.54 9.28 1.27
CA ILE C 4 -20.20 9.38 0.69
C ILE C 4 -20.15 8.67 -0.65
N ILE C 5 -20.80 7.51 -0.75
CA ILE C 5 -20.84 6.78 -2.01
C ILE C 5 -21.56 7.59 -3.08
N ILE C 6 -22.64 8.27 -2.70
CA ILE C 6 -23.36 9.11 -3.65
C ILE C 6 -22.47 10.25 -4.16
N ASN C 7 -21.78 10.91 -3.23
CA ASN C 7 -20.88 12.00 -3.63
C ASN C 7 -19.79 11.51 -4.57
N LYS C 8 -19.19 10.36 -4.26
CA LYS C 8 -18.11 9.85 -5.10
C LYS C 8 -18.62 9.37 -6.46
N ILE C 9 -19.84 8.82 -6.51
CA ILE C 9 -20.43 8.44 -7.79
C ILE C 9 -20.65 9.68 -8.65
N ALA C 10 -21.18 10.75 -8.05
CA ALA C 10 -21.36 12.00 -8.79
C ALA C 10 -20.02 12.53 -9.28
N THR C 11 -18.99 12.43 -8.44
CA THR C 11 -17.65 12.88 -8.86
C THR C 11 -17.15 12.09 -10.05
N ILE C 12 -17.34 10.77 -10.03
CA ILE C 12 -16.92 9.93 -11.15
C ILE C 12 -17.66 10.31 -12.41
N LYS C 13 -18.97 10.53 -12.31
CA LYS C 13 -19.75 10.91 -13.48
C LYS C 13 -19.28 12.25 -14.04
N ARG C 14 -19.02 13.23 -13.18
CA ARG C 14 -18.54 14.53 -13.63
C ARG C 14 -17.20 14.40 -14.33
N CYS C 15 -16.27 13.64 -13.75
CA CYS C 15 -14.95 13.49 -14.34
C CYS C 15 -15.01 12.74 -15.67
N ILE C 16 -15.90 11.76 -15.78
CA ILE C 16 -16.06 11.06 -17.06
C ILE C 16 -16.62 12.03 -18.12
N LYS C 17 -17.59 12.85 -17.75
CA LYS C 17 -18.10 13.85 -18.68
C LYS C 17 -17.00 14.81 -19.10
N ARG C 18 -16.15 15.21 -18.16
CA ARG C 18 -15.04 16.11 -18.49
C ARG C 18 -14.06 15.44 -19.45
N ILE C 19 -13.75 14.16 -19.22
CA ILE C 19 -12.85 13.44 -20.12
C ILE C 19 -13.43 13.37 -21.52
N GLN C 20 -14.71 13.00 -21.62
CA GLN C 20 -15.35 12.88 -22.93
C GLN C 20 -15.46 14.23 -23.63
N GLN C 21 -15.67 15.31 -22.88
CA GLN C 21 -15.78 16.63 -23.48
C GLN C 21 -14.43 17.15 -23.96
N VAL C 22 -13.38 16.94 -23.16
CA VAL C 22 -12.07 17.48 -23.51
C VAL C 22 -11.39 16.64 -24.59
N TYR C 23 -11.60 15.32 -24.59
CA TYR C 23 -10.91 14.47 -25.56
C TYR C 23 -11.46 14.69 -26.96
N GLY C 24 -12.77 14.84 -27.11
CA GLY C 24 -13.33 15.07 -28.43
C GLY C 24 -13.17 13.84 -29.30
N ASP C 25 -12.75 14.05 -30.54
CA ASP C 25 -12.43 12.94 -31.43
C ASP C 25 -11.01 12.45 -31.27
N GLY C 26 -10.22 13.07 -30.39
CA GLY C 26 -8.88 12.60 -30.10
C GLY C 26 -7.82 12.95 -31.11
N SER C 27 -8.11 13.82 -32.07
CA SER C 27 -7.10 14.18 -33.07
C SER C 27 -6.05 15.11 -32.48
N GLN C 28 -6.47 16.06 -31.64
CA GLN C 28 -5.57 17.05 -31.07
C GLN C 28 -4.98 16.62 -29.74
N PHE C 29 -5.14 15.36 -29.35
CA PHE C 29 -4.62 14.90 -28.07
C PHE C 29 -3.09 14.91 -28.06
N LYS C 30 -2.47 14.23 -29.02
CA LYS C 30 -1.02 14.15 -29.09
C LYS C 30 -0.38 15.51 -29.32
N GLN C 31 -1.15 16.53 -29.69
CA GLN C 31 -0.63 17.85 -30.01
C GLN C 31 -0.80 18.85 -28.87
N ASP C 32 -1.97 18.87 -28.21
CA ASP C 32 -2.25 19.82 -27.15
C ASP C 32 -1.88 19.21 -25.79
N PHE C 33 -0.88 19.81 -25.13
CA PHE C 33 -0.46 19.31 -23.84
C PHE C 33 -1.48 19.63 -22.74
N THR C 34 -2.19 20.75 -22.86
CA THR C 34 -3.21 21.09 -21.87
C THR C 34 -4.35 20.07 -21.90
N LEU C 35 -4.74 19.63 -23.09
CA LEU C 35 -5.75 18.59 -23.23
C LEU C 35 -5.31 17.31 -22.53
N GLN C 36 -4.06 16.91 -22.76
CA GLN C 36 -3.51 15.74 -22.08
C GLN C 36 -3.53 15.91 -20.58
N ASP C 37 -3.13 17.09 -20.09
CA ASP C 37 -3.12 17.32 -18.65
C ASP C 37 -4.50 17.18 -18.05
N SER C 38 -5.51 17.77 -18.70
CA SER C 38 -6.88 17.68 -18.19
C SER C 38 -7.36 16.24 -18.18
N VAL C 39 -7.12 15.50 -19.27
CA VAL C 39 -7.56 14.11 -19.34
C VAL C 39 -6.88 13.27 -18.26
N ILE C 40 -5.58 13.47 -18.07
CA ILE C 40 -4.84 12.71 -17.07
C ILE C 40 -5.36 13.02 -15.67
N LEU C 41 -5.59 14.30 -15.37
CA LEU C 41 -6.07 14.66 -14.04
C LEU C 41 -7.45 14.08 -13.77
N ASN C 42 -8.34 14.10 -14.77
CA ASN C 42 -9.68 13.57 -14.54
C ASN C 42 -9.67 12.05 -14.43
N LEU C 43 -8.80 11.36 -15.19
CA LEU C 43 -8.64 9.92 -14.99
C LEU C 43 -8.13 9.61 -13.59
N GLN C 44 -7.15 10.38 -13.11
CA GLN C 44 -6.65 10.19 -11.75
C GLN C 44 -7.77 10.42 -10.73
N ARG C 45 -8.61 11.43 -10.96
CA ARG C 45 -9.73 11.67 -10.05
C ARG C 45 -10.71 10.51 -10.04
N CYS C 46 -11.01 9.95 -11.21
CA CYS C 46 -11.86 8.76 -11.27
C CYS C 46 -11.26 7.61 -10.46
N CYS C 47 -9.96 7.38 -10.63
CA CYS C 47 -9.31 6.31 -9.87
C CYS C 47 -9.38 6.57 -8.38
N GLU C 48 -9.13 7.81 -7.96
CA GLU C 48 -9.17 8.13 -6.53
C GLU C 48 -10.56 7.93 -5.96
N ALA C 49 -11.60 8.30 -6.72
CA ALA C 49 -12.97 8.14 -6.22
C ALA C 49 -13.35 6.67 -6.13
N CYS C 50 -12.95 5.87 -7.12
CA CYS C 50 -13.19 4.43 -7.03
C CYS C 50 -12.48 3.82 -5.82
N ILE C 51 -11.24 4.24 -5.59
CA ILE C 51 -10.49 3.74 -4.44
C ILE C 51 -11.18 4.13 -3.14
N ASP C 52 -11.68 5.37 -3.07
CA ASP C 52 -12.37 5.81 -1.86
C ASP C 52 -13.65 5.01 -1.62
N ILE C 53 -14.42 4.74 -2.68
CA ILE C 53 -15.62 3.93 -2.55
C ILE C 53 -15.26 2.54 -2.04
N ALA C 54 -14.25 1.91 -2.65
CA ALA C 54 -13.85 0.58 -2.25
C ALA C 54 -13.39 0.55 -0.79
N ASN C 55 -12.62 1.56 -0.38
CA ASN C 55 -12.12 1.59 1.00
C ASN C 55 -13.25 1.83 1.99
N HIS C 56 -14.23 2.68 1.64
CA HIS C 56 -15.36 2.88 2.53
C HIS C 56 -16.18 1.61 2.67
N ILE C 57 -16.34 0.86 1.57
CA ILE C 57 -17.08 -0.40 1.65
C ILE C 57 -16.32 -1.43 2.47
N ASN C 58 -14.99 -1.47 2.30
CA ASN C 58 -14.19 -2.40 3.11
C ASN C 58 -14.26 -2.05 4.59
N ARG C 59 -14.31 -0.74 4.91
CA ARG C 59 -14.42 -0.32 6.30
C ARG C 59 -15.80 -0.63 6.86
N GLN C 60 -16.84 -0.51 6.03
CA GLN C 60 -18.19 -0.76 6.50
C GLN C 60 -18.44 -2.23 6.79
N GLN C 61 -17.80 -3.13 6.05
CA GLN C 61 -18.01 -4.57 6.21
C GLN C 61 -16.82 -5.29 6.81
N GLN C 62 -15.74 -4.59 7.15
CA GLN C 62 -14.56 -5.19 7.77
C GLN C 62 -14.01 -6.34 6.94
N LEU C 63 -13.80 -6.08 5.66
CA LEU C 63 -13.24 -7.08 4.75
C LEU C 63 -11.73 -7.24 4.89
N GLY C 64 -11.11 -6.48 5.78
CA GLY C 64 -9.67 -6.49 5.95
C GLY C 64 -9.08 -5.11 5.69
N ILE C 65 -7.76 -5.05 5.83
CA ILE C 65 -7.04 -3.81 5.54
C ILE C 65 -6.39 -3.94 4.17
N PRO C 66 -6.27 -2.87 3.39
CA PRO C 66 -5.60 -2.97 2.08
C PRO C 66 -4.09 -2.85 2.24
N GLN C 67 -3.37 -3.75 1.56
CA GLN C 67 -1.91 -3.70 1.56
C GLN C 67 -1.37 -2.73 0.52
N SER C 68 -2.18 -2.34 -0.45
CA SER C 68 -1.79 -1.38 -1.48
C SER C 68 -3.06 -0.77 -2.04
N SER C 69 -2.88 0.22 -2.92
CA SER C 69 -4.04 0.88 -3.52
C SER C 69 -4.81 -0.08 -4.41
N ARG C 70 -4.09 -0.95 -5.14
CA ARG C 70 -4.75 -1.98 -5.93
C ARG C 70 -5.50 -2.96 -5.04
N ASP C 71 -4.91 -3.31 -3.89
CA ASP C 71 -5.50 -4.28 -2.99
C ASP C 71 -6.92 -3.87 -2.56
N SER C 72 -7.19 -2.57 -2.54
CA SER C 72 -8.51 -2.08 -2.16
C SER C 72 -9.62 -2.64 -3.04
N PHE C 73 -9.29 -3.08 -4.25
CA PHE C 73 -10.25 -3.77 -5.11
C PHE C 73 -10.14 -5.28 -5.01
N THR C 74 -8.94 -5.80 -4.74
CA THR C 74 -8.77 -7.23 -4.52
C THR C 74 -9.65 -7.69 -3.37
N LEU C 75 -9.64 -6.94 -2.25
CA LEU C 75 -10.51 -7.23 -1.12
C LEU C 75 -11.98 -7.27 -1.51
N LEU C 76 -12.36 -6.58 -2.59
CA LEU C 76 -13.71 -6.70 -3.10
C LEU C 76 -13.87 -7.97 -3.94
N ALA C 77 -12.90 -8.24 -4.81
CA ALA C 77 -13.01 -9.35 -5.75
C ALA C 77 -13.20 -10.67 -5.03
N GLN C 78 -12.34 -10.94 -4.03
CA GLN C 78 -12.42 -12.19 -3.29
C GLN C 78 -13.54 -12.19 -2.25
N ASN C 79 -14.41 -11.19 -2.26
CA ASN C 79 -15.63 -11.21 -1.46
C ASN C 79 -16.88 -11.33 -2.33
N ASN C 80 -16.70 -11.60 -3.63
CA ASN C 80 -17.80 -11.77 -4.57
C ASN C 80 -18.70 -10.54 -4.64
N LEU C 81 -18.13 -9.36 -4.44
CA LEU C 81 -18.85 -8.11 -4.62
C LEU C 81 -18.65 -7.52 -5.99
N ILE C 82 -17.45 -7.66 -6.56
CA ILE C 82 -17.17 -7.28 -7.94
C ILE C 82 -16.54 -8.48 -8.65
N THR C 83 -16.75 -8.54 -9.96
CA THR C 83 -16.23 -9.65 -10.74
C THR C 83 -14.71 -9.52 -10.91
N GLN C 84 -14.07 -10.66 -11.14
CA GLN C 84 -12.63 -10.67 -11.35
C GLN C 84 -12.18 -9.83 -12.55
N PRO C 85 -12.85 -9.86 -13.71
CA PRO C 85 -12.41 -8.95 -14.80
C PRO C 85 -12.52 -7.48 -14.43
N LEU C 86 -13.63 -7.08 -13.81
CA LEU C 86 -13.77 -5.68 -13.39
C LEU C 86 -12.72 -5.31 -12.35
N SER C 87 -12.46 -6.21 -11.40
CA SER C 87 -11.43 -5.98 -10.40
C SER C 87 -10.07 -5.79 -11.05
N ASP C 88 -9.73 -6.66 -12.00
CA ASP C 88 -8.44 -6.57 -12.68
C ASP C 88 -8.34 -5.27 -13.48
N ASN C 89 -9.43 -4.85 -14.12
CA ASN C 89 -9.41 -3.61 -14.87
C ASN C 89 -9.24 -2.40 -13.95
N LEU C 90 -9.93 -2.40 -12.81
CA LEU C 90 -9.74 -1.31 -11.86
C LEU C 90 -8.33 -1.30 -11.29
N LYS C 91 -7.72 -2.47 -11.10
CA LYS C 91 -6.33 -2.50 -10.67
C LYS C 91 -5.38 -2.00 -11.76
N LYS C 92 -5.72 -2.25 -13.02
CA LYS C 92 -4.98 -1.63 -14.12
C LYS C 92 -5.07 -0.10 -14.04
N MET C 93 -6.28 0.40 -13.79
CA MET C 93 -6.46 1.84 -13.62
C MET C 93 -5.63 2.37 -12.46
N VAL C 94 -5.57 1.61 -11.36
CA VAL C 94 -4.79 2.05 -10.21
C VAL C 94 -3.30 2.06 -10.53
N GLY C 95 -2.83 1.09 -11.31
CA GLY C 95 -1.46 1.12 -11.77
C GLY C 95 -1.16 2.34 -12.64
N LEU C 96 -2.08 2.66 -13.55
CA LEU C 96 -1.94 3.87 -14.34
C LEU C 96 -1.87 5.11 -13.46
N ARG C 97 -2.73 5.17 -12.44
CA ARG C 97 -2.75 6.32 -11.54
C ARG C 97 -1.45 6.45 -10.78
N ASN C 98 -0.91 5.33 -10.29
CA ASN C 98 0.36 5.38 -9.58
C ASN C 98 1.48 5.82 -10.51
N ILE C 99 1.47 5.34 -11.76
CA ILE C 99 2.44 5.81 -12.74
C ILE C 99 2.33 7.31 -12.93
N ALA C 100 1.10 7.82 -13.00
CA ALA C 100 0.88 9.23 -13.27
C ALA C 100 1.37 10.11 -12.12
N VAL C 101 0.98 9.78 -10.89
CA VAL C 101 1.25 10.70 -9.79
C VAL C 101 2.60 10.47 -9.13
N HIS C 102 3.13 9.24 -9.14
CA HIS C 102 4.38 8.97 -8.44
C HIS C 102 5.60 9.04 -9.36
N ASP C 103 5.39 8.99 -10.68
CA ASP C 103 6.43 9.25 -11.66
C ASP C 103 7.64 8.32 -11.47
N TYR C 104 7.35 7.02 -11.38
CA TYR C 104 8.40 6.01 -11.36
C TYR C 104 8.56 5.32 -12.71
N GLN C 105 8.09 5.97 -13.78
CA GLN C 105 8.16 5.45 -15.14
C GLN C 105 7.65 6.52 -16.10
N GLU C 106 8.23 6.61 -17.29
CA GLU C 106 7.75 7.58 -18.26
C GLU C 106 6.32 7.25 -18.66
N LEU C 107 5.41 8.19 -18.40
CA LEU C 107 4.01 7.97 -18.69
C LEU C 107 3.79 7.75 -20.18
N ASN C 108 3.06 6.68 -20.51
CA ASN C 108 2.79 6.31 -21.90
C ASN C 108 1.48 6.93 -22.34
N LEU C 109 1.53 7.72 -23.42
CA LEU C 109 0.32 8.40 -23.90
C LEU C 109 -0.59 7.47 -24.68
N ASP C 110 -0.04 6.47 -25.36
CA ASP C 110 -0.88 5.51 -26.08
C ASP C 110 -1.73 4.70 -25.09
N ILE C 111 -1.15 4.35 -23.95
CA ILE C 111 -1.93 3.69 -22.90
C ILE C 111 -3.08 4.59 -22.45
N VAL C 112 -2.81 5.89 -22.32
CA VAL C 112 -3.85 6.83 -21.90
C VAL C 112 -4.96 6.88 -22.94
N VAL C 113 -4.60 6.94 -24.22
CA VAL C 113 -5.61 6.99 -25.28
C VAL C 113 -6.45 5.71 -25.26
N HIS C 114 -5.80 4.55 -25.09
CA HIS C 114 -6.54 3.30 -25.10
C HIS C 114 -7.45 3.19 -23.88
N VAL C 115 -7.00 3.68 -22.72
CA VAL C 115 -7.83 3.66 -21.53
C VAL C 115 -9.04 4.58 -21.70
N VAL C 116 -8.83 5.75 -22.30
CA VAL C 116 -9.95 6.65 -22.57
C VAL C 116 -10.95 6.00 -23.52
N GLN C 117 -10.44 5.33 -24.56
CA GLN C 117 -11.33 4.76 -25.56
C GLN C 117 -12.01 3.47 -25.11
N HIS C 118 -11.47 2.76 -24.12
CA HIS C 118 -11.98 1.43 -23.81
C HIS C 118 -12.11 1.10 -22.33
N HIS C 119 -11.82 2.03 -21.41
CA HIS C 119 -11.80 1.67 -20.00
C HIS C 119 -12.64 2.57 -19.09
N LEU C 120 -13.23 3.64 -19.60
CA LEU C 120 -14.21 4.37 -18.80
C LEU C 120 -15.47 3.55 -18.59
N GLU C 121 -15.76 2.66 -19.53
CA GLU C 121 -16.80 1.65 -19.34
C GLU C 121 -16.61 0.89 -18.04
N ASP C 122 -15.36 0.67 -17.62
CA ASP C 122 -15.12 -0.01 -16.35
C ASP C 122 -15.55 0.84 -15.17
N PHE C 123 -15.29 2.15 -15.23
CA PHE C 123 -15.76 3.04 -14.18
C PHE C 123 -17.27 3.06 -14.10
N GLU C 124 -17.94 3.09 -15.26
CA GLU C 124 -19.40 3.08 -15.24
C GLU C 124 -19.96 1.75 -14.76
N GLN C 125 -19.29 0.64 -15.08
CA GLN C 125 -19.70 -0.66 -14.54
C GLN C 125 -19.53 -0.71 -13.03
N PHE C 126 -18.44 -0.12 -12.53
CA PHE C 126 -18.25 -0.05 -11.08
C PHE C 126 -19.35 0.78 -10.42
N ILE C 127 -19.74 1.88 -11.08
CA ILE C 127 -20.87 2.67 -10.59
C ILE C 127 -22.13 1.81 -10.54
N ASP C 128 -22.40 1.07 -11.61
CA ASP C 128 -23.57 0.20 -11.66
C ASP C 128 -23.55 -0.82 -10.53
N VAL C 129 -22.40 -1.43 -10.28
CA VAL C 129 -22.32 -2.49 -9.28
C VAL C 129 -22.47 -1.93 -7.88
N ILE C 130 -21.83 -0.80 -7.59
CA ILE C 130 -21.87 -0.26 -6.23
C ILE C 130 -23.20 0.42 -5.93
N LYS C 131 -23.89 0.95 -6.96
CA LYS C 131 -25.14 1.66 -6.71
C LYS C 131 -26.19 0.75 -6.10
N ALA C 132 -26.24 -0.51 -6.54
CA ALA C 132 -27.15 -1.50 -5.95
C ALA C 132 -26.46 -2.21 -4.77
N GLU C 133 -26.09 -1.41 -3.78
CA GLU C 133 -25.39 -1.91 -2.60
C GLU C 133 -26.30 -2.76 -1.73
N ASN D 2 2.87 0.45 13.62
CA ASN D 2 3.43 -0.86 13.31
C ASN D 2 2.47 -1.64 12.41
N ASP D 3 2.99 -2.11 11.26
CA ASP D 3 2.17 -2.80 10.28
C ASP D 3 2.07 -4.31 10.55
N ILE D 4 3.09 -4.89 11.16
CA ILE D 4 3.10 -6.33 11.43
C ILE D 4 1.93 -6.70 12.34
N ILE D 5 1.76 -5.94 13.44
CA ILE D 5 0.70 -6.26 14.38
C ILE D 5 -0.67 -6.06 13.75
N ILE D 6 -0.83 -5.00 12.95
CA ILE D 6 -2.11 -4.76 12.29
C ILE D 6 -2.45 -5.92 11.36
N ASN D 7 -1.47 -6.35 10.55
CA ASN D 7 -1.73 -7.43 9.60
C ASN D 7 -2.01 -8.74 10.31
N LYS D 8 -1.29 -9.04 11.38
CA LYS D 8 -1.53 -10.29 12.11
C LYS D 8 -2.89 -10.29 12.78
N ILE D 9 -3.30 -9.15 13.35
CA ILE D 9 -4.63 -9.03 13.94
C ILE D 9 -5.69 -9.22 12.87
N ALA D 10 -5.50 -8.60 11.70
CA ALA D 10 -6.47 -8.76 10.62
C ALA D 10 -6.54 -10.20 10.14
N THR D 11 -5.39 -10.90 10.13
CA THR D 11 -5.39 -12.31 9.74
C THR D 11 -6.13 -13.17 10.76
N ILE D 12 -5.92 -12.91 12.06
CA ILE D 12 -6.66 -13.64 13.08
C ILE D 12 -8.16 -13.41 12.92
N LYS D 13 -8.56 -12.16 12.67
CA LYS D 13 -9.98 -11.86 12.48
C LYS D 13 -10.52 -12.58 11.25
N ARG D 14 -9.78 -12.57 10.14
CA ARG D 14 -10.20 -13.26 8.93
C ARG D 14 -10.40 -14.75 9.19
N CYS D 15 -9.44 -15.37 9.88
CA CYS D 15 -9.53 -16.81 10.11
C CYS D 15 -10.64 -17.16 11.09
N ILE D 16 -10.90 -16.30 12.07
CA ILE D 16 -12.04 -16.53 12.97
C ILE D 16 -13.36 -16.43 12.20
N LYS D 17 -13.47 -15.44 11.32
CA LYS D 17 -14.67 -15.33 10.48
C LYS D 17 -14.81 -16.54 9.58
N ARG D 18 -13.70 -17.03 9.02
CA ARG D 18 -13.74 -18.22 8.18
C ARG D 18 -14.20 -19.44 8.97
N ILE D 19 -13.69 -19.61 10.19
CA ILE D 19 -14.13 -20.72 11.03
C ILE D 19 -15.61 -20.63 11.31
N GLN D 20 -16.06 -19.46 11.77
CA GLN D 20 -17.47 -19.29 12.12
C GLN D 20 -18.38 -19.49 10.91
N GLN D 21 -17.90 -19.16 9.72
CA GLN D 21 -18.72 -19.29 8.52
C GLN D 21 -18.77 -20.73 8.02
N VAL D 22 -17.60 -21.37 7.89
CA VAL D 22 -17.56 -22.74 7.37
C VAL D 22 -18.24 -23.69 8.35
N TYR D 23 -18.05 -23.47 9.65
CA TYR D 23 -18.67 -24.34 10.65
C TYR D 23 -20.19 -24.16 10.67
N GLY D 24 -20.67 -22.92 10.60
CA GLY D 24 -22.10 -22.68 10.63
C GLY D 24 -22.68 -23.02 11.99
N ASP D 25 -23.75 -23.81 12.00
CA ASP D 25 -24.35 -24.27 13.24
C ASP D 25 -23.76 -25.59 13.73
N GLY D 26 -23.00 -26.29 12.89
CA GLY D 26 -22.37 -27.53 13.28
C GLY D 26 -23.13 -28.80 12.94
N SER D 27 -24.32 -28.68 12.34
CA SER D 27 -25.08 -29.88 12.00
C SER D 27 -24.41 -30.66 10.89
N GLN D 28 -23.77 -29.97 9.94
CA GLN D 28 -23.09 -30.62 8.84
C GLN D 28 -21.60 -30.81 9.08
N PHE D 29 -21.06 -30.27 10.17
CA PHE D 29 -19.61 -30.28 10.38
C PHE D 29 -19.10 -31.69 10.61
N LYS D 30 -19.65 -32.38 11.62
CA LYS D 30 -19.17 -33.72 11.94
C LYS D 30 -19.49 -34.74 10.86
N GLN D 31 -20.14 -34.33 9.78
CA GLN D 31 -20.47 -35.21 8.67
C GLN D 31 -19.57 -35.00 7.45
N ASP D 32 -19.26 -33.76 7.12
CA ASP D 32 -18.44 -33.43 5.97
C ASP D 32 -16.99 -33.21 6.41
N PHE D 33 -16.07 -33.91 5.75
CA PHE D 33 -14.65 -33.80 6.09
C PHE D 33 -14.00 -32.54 5.52
N THR D 34 -14.58 -31.97 4.46
CA THR D 34 -14.02 -30.74 3.88
C THR D 34 -14.19 -29.57 4.83
N LEU D 35 -15.36 -29.45 5.46
CA LEU D 35 -15.57 -28.42 6.46
C LEU D 35 -14.60 -28.60 7.62
N GLN D 36 -14.35 -29.84 8.03
CA GLN D 36 -13.40 -30.11 9.09
C GLN D 36 -11.99 -29.69 8.68
N ASP D 37 -11.61 -29.97 7.43
CA ASP D 37 -10.28 -29.57 6.96
C ASP D 37 -10.13 -28.05 6.97
N SER D 38 -11.14 -27.34 6.46
CA SER D 38 -11.11 -25.88 6.47
C SER D 38 -10.99 -25.33 7.88
N VAL D 39 -11.81 -25.87 8.80
CA VAL D 39 -11.81 -25.39 10.18
C VAL D 39 -10.46 -25.65 10.83
N ILE D 40 -9.89 -26.83 10.61
CA ILE D 40 -8.58 -27.16 11.18
C ILE D 40 -7.52 -26.21 10.66
N LEU D 41 -7.52 -25.96 9.35
CA LEU D 41 -6.50 -25.09 8.76
C LEU D 41 -6.61 -23.67 9.31
N ASN D 42 -7.83 -23.15 9.40
CA ASN D 42 -7.98 -21.77 9.88
C ASN D 42 -7.70 -21.67 11.38
N LEU D 43 -8.00 -22.72 12.16
CA LEU D 43 -7.62 -22.73 13.56
C LEU D 43 -6.10 -22.70 13.72
N GLN D 44 -5.39 -23.50 12.92
CA GLN D 44 -3.94 -23.47 12.96
C GLN D 44 -3.40 -22.11 12.55
N ARG D 45 -4.04 -21.47 11.57
CA ARG D 45 -3.62 -20.13 11.16
C ARG D 45 -3.80 -19.13 12.30
N CYS D 46 -4.94 -19.19 12.99
CA CYS D 46 -5.17 -18.34 14.17
C CYS D 46 -4.07 -18.55 15.20
N CYS D 47 -3.77 -19.82 15.51
CA CYS D 47 -2.79 -20.12 16.55
C CYS D 47 -1.41 -19.61 16.16
N GLU D 48 -1.00 -19.84 14.91
CA GLU D 48 0.31 -19.38 14.45
C GLU D 48 0.41 -17.86 14.48
N ALA D 49 -0.67 -17.16 14.09
CA ALA D 49 -0.64 -15.71 14.11
C ALA D 49 -0.58 -15.17 15.54
N CYS D 50 -1.27 -15.84 16.48
CA CYS D 50 -1.16 -15.44 17.88
C CYS D 50 0.27 -15.61 18.39
N ILE D 51 0.90 -16.75 18.06
CA ILE D 51 2.28 -16.96 18.45
C ILE D 51 3.18 -15.88 17.85
N ASP D 52 2.92 -15.50 16.60
CA ASP D 52 3.72 -14.46 15.95
C ASP D 52 3.59 -13.13 16.67
N ILE D 53 2.36 -12.73 16.99
CA ILE D 53 2.15 -11.48 17.73
C ILE D 53 2.87 -11.53 19.07
N ALA D 54 2.76 -12.65 19.78
CA ALA D 54 3.41 -12.77 21.09
C ALA D 54 4.93 -12.62 20.97
N ASN D 55 5.52 -13.30 19.98
CA ASN D 55 6.96 -13.21 19.80
C ASN D 55 7.39 -11.80 19.42
N HIS D 56 6.62 -11.13 18.55
CA HIS D 56 6.98 -9.78 18.14
C HIS D 56 6.89 -8.81 19.31
N ILE D 57 5.90 -8.99 20.20
CA ILE D 57 5.79 -8.10 21.34
C ILE D 57 6.89 -8.39 22.36
N ASN D 58 7.26 -9.67 22.52
CA ASN D 58 8.35 -10.01 23.42
C ASN D 58 9.67 -9.43 22.93
N ARG D 59 9.90 -9.44 21.62
CA ARG D 59 11.12 -8.86 21.08
C ARG D 59 11.07 -7.33 21.10
N GLN D 60 9.89 -6.75 20.88
CA GLN D 60 9.77 -5.30 20.81
C GLN D 60 10.05 -4.66 22.17
N GLN D 61 9.25 -5.00 23.18
CA GLN D 61 9.39 -4.43 24.50
C GLN D 61 10.51 -5.09 25.30
N GLN D 62 11.31 -5.95 24.66
CA GLN D 62 12.48 -6.58 25.30
C GLN D 62 12.09 -7.33 26.57
N LEU D 63 10.99 -8.07 26.50
CA LEU D 63 10.53 -8.84 27.65
C LEU D 63 11.41 -10.06 27.91
N GLY D 64 12.15 -10.51 26.91
CA GLY D 64 13.02 -11.66 27.06
C GLY D 64 13.10 -12.44 25.77
N ILE D 65 13.85 -13.54 25.83
CA ILE D 65 14.04 -14.44 24.70
C ILE D 65 13.14 -15.65 24.92
N PRO D 66 12.06 -15.82 24.15
CA PRO D 66 11.15 -16.95 24.36
C PRO D 66 11.84 -18.28 24.02
N GLN D 67 11.91 -19.17 25.01
CA GLN D 67 12.54 -20.47 24.80
C GLN D 67 11.72 -21.36 23.88
N SER D 68 10.40 -21.20 23.88
CA SER D 68 9.51 -22.01 23.05
C SER D 68 8.39 -21.11 22.56
N SER D 69 7.40 -21.72 21.89
CA SER D 69 6.21 -20.98 21.48
C SER D 69 5.25 -20.78 22.64
N ARG D 70 5.20 -21.73 23.57
CA ARG D 70 4.39 -21.54 24.78
C ARG D 70 5.04 -20.53 25.71
N ASP D 71 6.38 -20.55 25.82
CA ASP D 71 7.07 -19.60 26.65
C ASP D 71 6.91 -18.16 26.14
N SER D 72 6.58 -18.00 24.86
CA SER D 72 6.31 -16.67 24.34
C SER D 72 5.10 -16.05 25.00
N PHE D 73 4.12 -16.87 25.40
CA PHE D 73 2.98 -16.36 26.16
C PHE D 73 3.32 -16.25 27.64
N THR D 74 4.22 -17.09 28.14
CA THR D 74 4.68 -16.95 29.51
C THR D 74 5.37 -15.62 29.73
N LEU D 75 6.12 -15.14 28.73
CA LEU D 75 6.76 -13.85 28.85
C LEU D 75 5.74 -12.72 28.93
N LEU D 76 4.67 -12.81 28.14
CA LEU D 76 3.61 -11.80 28.22
C LEU D 76 2.89 -11.86 29.56
N ALA D 77 2.68 -13.07 30.08
CA ALA D 77 1.93 -13.20 31.34
C ALA D 77 2.76 -12.74 32.54
N GLN D 78 4.07 -12.99 32.50
CA GLN D 78 4.91 -12.61 33.64
C GLN D 78 4.94 -11.11 33.84
N ASN D 79 5.00 -10.34 32.75
CA ASN D 79 4.97 -8.89 32.83
C ASN D 79 3.55 -8.34 32.91
N ASN D 80 2.57 -9.19 33.22
CA ASN D 80 1.18 -8.78 33.45
C ASN D 80 0.57 -8.11 32.24
N LEU D 81 1.06 -8.43 31.04
CA LEU D 81 0.44 -7.94 29.81
C LEU D 81 -0.83 -8.73 29.49
N ILE D 82 -0.88 -10.01 29.87
CA ILE D 82 -2.07 -10.83 29.77
C ILE D 82 -2.25 -11.58 31.07
N THR D 83 -3.46 -12.07 31.29
CA THR D 83 -3.75 -12.83 32.50
C THR D 83 -3.30 -14.28 32.34
N GLN D 84 -3.05 -14.92 33.48
CA GLN D 84 -2.63 -16.32 33.45
C GLN D 84 -3.65 -17.26 32.82
N PRO D 85 -4.96 -17.13 33.06
CA PRO D 85 -5.91 -17.99 32.32
C PRO D 85 -5.85 -17.82 30.81
N LEU D 86 -5.71 -16.58 30.34
CA LEU D 86 -5.61 -16.35 28.90
C LEU D 86 -4.34 -16.97 28.33
N SER D 87 -3.23 -16.83 29.06
CA SER D 87 -1.98 -17.45 28.64
C SER D 87 -2.11 -18.97 28.56
N ASP D 88 -2.73 -19.58 29.57
CA ASP D 88 -2.91 -21.02 29.56
C ASP D 88 -3.83 -21.47 28.42
N ASN D 89 -4.84 -20.67 28.09
CA ASN D 89 -5.71 -21.04 26.97
C ASN D 89 -4.98 -20.94 25.64
N LEU D 90 -4.14 -19.91 25.46
CA LEU D 90 -3.32 -19.85 24.25
C LEU D 90 -2.32 -21.00 24.18
N LYS D 91 -1.79 -21.42 25.33
CA LYS D 91 -0.95 -22.62 25.36
C LYS D 91 -1.73 -23.87 24.96
N LYS D 92 -2.98 -23.97 25.41
CA LYS D 92 -3.88 -25.01 24.92
C LYS D 92 -3.95 -25.00 23.40
N MET D 93 -4.19 -23.81 22.84
CA MET D 93 -4.26 -23.68 21.38
C MET D 93 -2.95 -24.10 20.71
N VAL D 94 -1.82 -23.92 21.39
CA VAL D 94 -0.54 -24.34 20.81
C VAL D 94 -0.58 -25.83 20.47
N GLY D 95 -1.00 -26.66 21.43
CA GLY D 95 -1.09 -28.09 21.18
C GLY D 95 -2.14 -28.46 20.14
N LEU D 96 -3.06 -27.54 19.86
CA LEU D 96 -4.10 -27.81 18.86
C LEU D 96 -3.52 -27.93 17.46
N ARG D 97 -2.58 -27.06 17.12
CA ARG D 97 -2.05 -27.06 15.76
C ARG D 97 -1.27 -28.34 15.47
N ASN D 98 -0.43 -28.79 16.40
CA ASN D 98 0.32 -30.02 16.18
C ASN D 98 -0.61 -31.22 16.08
N ILE D 99 -1.56 -31.34 17.01
CA ILE D 99 -2.41 -32.52 17.06
C ILE D 99 -3.23 -32.66 15.79
N ALA D 100 -3.66 -31.54 15.22
CA ALA D 100 -4.57 -31.51 14.09
C ALA D 100 -3.85 -31.55 12.74
N VAL D 101 -2.52 -31.54 12.73
CA VAL D 101 -1.79 -31.66 11.47
C VAL D 101 -2.11 -32.99 10.83
N HIS D 102 -1.87 -34.07 11.56
CA HIS D 102 -1.99 -35.41 11.03
C HIS D 102 -3.47 -35.78 10.96
N ASP D 103 -3.76 -37.00 10.51
CA ASP D 103 -5.13 -37.39 10.22
C ASP D 103 -5.63 -38.48 11.16
N TYR D 104 -5.39 -38.34 12.46
CA TYR D 104 -6.23 -39.09 13.40
C TYR D 104 -7.54 -38.35 13.56
N GLN D 105 -8.52 -38.76 12.76
CA GLN D 105 -9.81 -38.07 12.76
C GLN D 105 -10.62 -38.42 14.00
N GLU D 106 -10.56 -39.68 14.42
CA GLU D 106 -11.48 -40.17 15.45
C GLU D 106 -11.29 -39.43 16.77
N LEU D 107 -10.06 -39.05 17.09
CA LEU D 107 -9.82 -38.31 18.33
C LEU D 107 -10.09 -36.82 18.16
N ASN D 108 -9.48 -36.21 17.13
CA ASN D 108 -9.43 -34.77 17.03
C ASN D 108 -10.77 -34.13 16.68
N LEU D 109 -11.72 -34.90 16.15
CA LEU D 109 -13.01 -34.33 15.76
C LEU D 109 -13.70 -33.68 16.97
N ASP D 110 -13.86 -34.44 18.06
CA ASP D 110 -14.46 -33.87 19.26
C ASP D 110 -13.64 -32.71 19.79
N ILE D 111 -12.31 -32.82 19.72
CA ILE D 111 -11.44 -31.76 20.20
C ILE D 111 -11.60 -30.51 19.35
N VAL D 112 -11.68 -30.67 18.03
CA VAL D 112 -11.87 -29.53 17.14
C VAL D 112 -13.22 -28.87 17.39
N VAL D 113 -14.26 -29.68 17.60
CA VAL D 113 -15.58 -29.12 17.89
C VAL D 113 -15.56 -28.34 19.20
N HIS D 114 -14.92 -28.90 20.24
CA HIS D 114 -14.84 -28.22 21.52
C HIS D 114 -14.07 -26.91 21.39
N VAL D 115 -12.98 -26.91 20.60
CA VAL D 115 -12.20 -25.70 20.40
C VAL D 115 -13.02 -24.64 19.68
N VAL D 116 -13.74 -25.03 18.62
CA VAL D 116 -14.54 -24.07 17.87
C VAL D 116 -15.68 -23.52 18.73
N GLN D 117 -16.18 -24.33 19.67
CA GLN D 117 -17.29 -23.88 20.50
C GLN D 117 -16.84 -23.02 21.68
N HIS D 118 -15.63 -23.24 22.21
CA HIS D 118 -15.26 -22.64 23.48
C HIS D 118 -13.97 -21.81 23.47
N HIS D 119 -13.24 -21.75 22.36
CA HIS D 119 -11.91 -21.14 22.41
C HIS D 119 -11.65 -20.10 21.34
N LEU D 120 -12.65 -19.71 20.55
CA LEU D 120 -12.47 -18.57 19.66
C LEU D 120 -12.51 -17.26 20.43
N GLU D 121 -13.27 -17.22 21.53
CA GLU D 121 -13.30 -16.05 22.38
C GLU D 121 -11.92 -15.72 22.94
N ASP D 122 -11.06 -16.74 23.11
CA ASP D 122 -9.71 -16.49 23.57
C ASP D 122 -8.89 -15.75 22.52
N PHE D 123 -9.03 -16.14 21.25
CA PHE D 123 -8.36 -15.41 20.18
C PHE D 123 -8.88 -13.97 20.10
N GLU D 124 -10.20 -13.79 20.20
CA GLU D 124 -10.75 -12.44 20.17
C GLU D 124 -10.26 -11.61 21.36
N GLN D 125 -10.11 -12.24 22.52
CA GLN D 125 -9.64 -11.54 23.71
C GLN D 125 -8.17 -11.15 23.58
N PHE D 126 -7.36 -12.02 22.98
CA PHE D 126 -5.98 -11.66 22.68
C PHE D 126 -5.91 -10.50 21.70
N ILE D 127 -6.78 -10.53 20.68
CA ILE D 127 -6.86 -9.41 19.73
C ILE D 127 -7.17 -8.12 20.47
N ASP D 128 -8.15 -8.16 21.38
CA ASP D 128 -8.56 -6.96 22.11
C ASP D 128 -7.44 -6.44 23.01
N VAL D 129 -6.76 -7.33 23.74
CA VAL D 129 -5.73 -6.88 24.67
C VAL D 129 -4.46 -6.43 23.96
N ILE D 130 -4.19 -6.94 22.75
CA ILE D 130 -3.07 -6.42 21.99
C ILE D 130 -3.43 -5.10 21.32
N LYS D 131 -4.71 -4.95 20.96
CA LYS D 131 -5.19 -3.72 20.34
C LYS D 131 -4.91 -2.49 21.20
N ALA D 132 -4.90 -2.65 22.53
CA ALA D 132 -4.66 -1.54 23.43
C ALA D 132 -3.18 -1.28 23.62
N GLU D 133 -2.44 -1.14 22.52
CA GLU D 133 -1.01 -0.87 22.57
C GLU D 133 -0.62 0.20 21.56
#